data_8GFH
#
_entry.id   8GFH
#
_cell.length_a   177.335
_cell.length_b   177.335
_cell.length_c   177.335
_cell.angle_alpha   90.000
_cell.angle_beta   90.000
_cell.angle_gamma   90.000
#
_symmetry.space_group_name_H-M   'I 2 3'
#
loop_
_entity.id
_entity.type
_entity.pdbx_description
1 polymer 'Lytic transglycosylase domain-containing protein'
2 non-polymer '[(2R)-5-oxopyrrolidin-2-yl]methyl 2-acetamido-2-deoxy-beta-D-glucopyranoside'
3 non-polymer 'CITRIC ACID'
4 water water
#
_entity_poly.entity_id   1
_entity_poly.type   'polypeptide(L)'
_entity_poly.pdbx_seq_one_letter_code
;MGSSHHHHHHSSGLVPRGSHMQYSIEKLKKEENSLAKDYYIYRLLEKNKISKKDAQDLNSHIFRYIGKIKSELEKIIPLK
PYINPKYAKCYTYTANTILDANLTCQSVRLNSLVFIASLNSKDRTTLAQTFKNQRPDLTNLLLAFNTSDPMSYIVQKEDI
NGFFKLYNYSKKYDLDLNTSLVNKLPNHIGFKDFAQNIIIKKENPKFRHSMLEINPENVSEDSAFYLGVNALTYDKTELA
YDFFKKAAQSFKSQSNKDNAIFWMWLIKNNEEDLKTLSQSSSLNIYSLYAKELTNTPFPKIESLNPSKKKNNFNMQDPFA
WQKINKQIRDANASQLDVLAKEFDTQETLPIYAYILERKNNFKKHYFIMPYYDNIKDYNKTRQALILAIARQESRFIPTA
ISVSYALGMMQFMPFLANHIGEKELKIPNFDQDFMFKPEIAYYFGNYHLNYLESRLKSPLFVAYAYNGGIGFTNRMLARN
DMFKTGKFEPFLSMELVPYQESRIYGKKVLANYIVYRHLLNDSIKISDIFENLIQNKANDLNKS
;
_entity_poly.pdbx_strand_id   A
#
loop_
_chem_comp.id
_chem_comp.type
_chem_comp.name
_chem_comp.formula
CIT non-polymer 'CITRIC ACID' 'C6 H8 O7'
ZIA non-polymer '[(2R)-5-oxopyrrolidin-2-yl]methyl 2-acetamido-2-deoxy-beta-D-glucopyranoside' 'C13 H22 N2 O7'
#
# COMPACT_ATOMS: atom_id res chain seq x y z
N GLN A 22 -28.74 -2.72 -11.53
CA GLN A 22 -29.11 -1.35 -11.09
C GLN A 22 -29.94 -1.39 -9.80
N TYR A 23 -29.58 -0.53 -8.86
CA TYR A 23 -30.23 -0.57 -7.55
C TYR A 23 -30.62 0.85 -7.18
N SER A 24 -31.91 1.03 -6.84
CA SER A 24 -32.42 2.28 -6.31
C SER A 24 -31.82 2.54 -4.91
N ILE A 25 -31.78 3.80 -4.49
CA ILE A 25 -31.25 4.13 -3.20
C ILE A 25 -32.06 3.43 -2.10
N GLU A 26 -33.38 3.24 -2.33
CA GLU A 26 -34.25 2.62 -1.34
C GLU A 26 -33.83 1.17 -1.10
N LYS A 27 -33.51 0.42 -2.16
CA LYS A 27 -33.13 -0.97 -2.03
C LYS A 27 -31.70 -1.09 -1.46
N LEU A 28 -30.79 -0.18 -1.84
CA LEU A 28 -29.44 -0.20 -1.31
C LEU A 28 -29.49 0.00 0.19
N LYS A 29 -30.37 0.90 0.65
CA LYS A 29 -30.42 1.24 2.07
C LYS A 29 -30.79 0.01 2.89
N LYS A 30 -31.44 -1.01 2.29
CA LYS A 30 -31.77 -2.27 2.97
C LYS A 30 -30.55 -3.19 3.11
N GLU A 31 -29.49 -3.00 2.32
CA GLU A 31 -28.33 -3.87 2.39
C GLU A 31 -27.44 -3.44 3.56
N GLU A 32 -26.64 -4.39 4.06
CA GLU A 32 -25.64 -4.08 5.06
C GLU A 32 -24.62 -3.12 4.47
N ASN A 33 -24.04 -2.27 5.32
CA ASN A 33 -22.96 -1.39 4.90
C ASN A 33 -21.77 -2.27 4.47
N SER A 34 -21.15 -1.88 3.34
CA SER A 34 -20.01 -2.61 2.75
C SER A 34 -19.43 -1.78 1.61
N LEU A 35 -18.25 -2.18 1.10
CA LEU A 35 -17.70 -1.59 -0.10
C LEU A 35 -18.63 -1.79 -1.33
N ALA A 36 -19.41 -2.86 -1.39
CA ALA A 36 -20.30 -3.08 -2.51
C ALA A 36 -21.43 -2.05 -2.47
N LYS A 37 -21.98 -1.83 -1.28
CA LYS A 37 -23.03 -0.84 -1.14
C LYS A 37 -22.47 0.55 -1.44
N ASP A 38 -21.27 0.88 -0.93
CA ASP A 38 -20.61 2.14 -1.22
C ASP A 38 -20.48 2.38 -2.74
N TYR A 39 -19.99 1.34 -3.44
CA TYR A 39 -19.79 1.40 -4.87
C TYR A 39 -21.12 1.78 -5.56
N TYR A 40 -22.21 1.08 -5.19
CA TYR A 40 -23.49 1.33 -5.86
C TYR A 40 -24.11 2.68 -5.50
N ILE A 41 -23.86 3.18 -4.29
CA ILE A 41 -24.22 4.55 -3.92
C ILE A 41 -23.41 5.54 -4.76
N TYR A 42 -22.12 5.25 -4.94
CA TYR A 42 -21.27 6.12 -5.70
C TYR A 42 -21.78 6.19 -7.15
N ARG A 43 -22.23 5.05 -7.67
CA ARG A 43 -22.73 5.02 -9.05
C ARG A 43 -23.97 5.91 -9.20
N LEU A 44 -24.83 5.95 -8.18
CA LEU A 44 -25.97 6.87 -8.24
C LEU A 44 -25.50 8.32 -8.19
N LEU A 45 -24.55 8.63 -7.29
CA LEU A 45 -24.04 9.99 -7.18
C LEU A 45 -23.43 10.46 -8.48
N GLU A 46 -22.66 9.60 -9.13
CA GLU A 46 -21.95 10.06 -10.32
C GLU A 46 -22.93 10.27 -11.49
N LYS A 47 -24.09 9.61 -11.49
CA LYS A 47 -25.13 9.80 -12.50
C LYS A 47 -26.21 10.83 -12.04
N ASN A 48 -25.97 11.51 -10.93
CA ASN A 48 -26.79 12.61 -10.42
C ASN A 48 -28.19 12.13 -10.01
N LYS A 49 -28.26 10.91 -9.49
CA LYS A 49 -29.55 10.30 -9.19
C LYS A 49 -29.88 10.39 -7.70
N ILE A 50 -29.03 11.03 -6.89
CA ILE A 50 -29.25 11.20 -5.46
C ILE A 50 -29.68 12.68 -5.22
N SER A 51 -30.96 12.83 -4.89
CA SER A 51 -31.51 14.14 -4.55
C SER A 51 -30.97 14.63 -3.21
N LYS A 52 -31.05 15.96 -2.97
CA LYS A 52 -30.74 16.53 -1.67
C LYS A 52 -31.53 15.85 -0.55
N LYS A 53 -32.79 15.50 -0.81
CA LYS A 53 -33.58 14.79 0.19
C LYS A 53 -33.08 13.38 0.49
N ASP A 54 -32.72 12.60 -0.54
CA ASP A 54 -32.18 11.26 -0.33
C ASP A 54 -30.81 11.33 0.37
N ALA A 55 -30.07 12.41 0.10
CA ALA A 55 -28.74 12.60 0.66
C ALA A 55 -28.75 12.81 2.18
N GLN A 56 -29.89 13.17 2.80
CA GLN A 56 -29.86 13.66 4.19
C GLN A 56 -29.31 12.61 5.16
N ASP A 57 -29.77 11.36 5.12
CA ASP A 57 -29.29 10.43 6.13
C ASP A 57 -28.05 9.65 5.68
N LEU A 58 -27.50 9.98 4.51
CA LEU A 58 -26.86 8.96 3.70
C LEU A 58 -25.52 8.50 4.29
N ASN A 59 -24.81 9.31 5.08
CA ASN A 59 -23.47 8.92 5.53
C ASN A 59 -23.51 7.84 6.62
N SER A 60 -24.67 7.57 7.25
CA SER A 60 -24.87 6.35 8.05
C SER A 60 -24.99 5.09 7.19
N HIS A 61 -25.12 5.27 5.88
CA HIS A 61 -25.22 4.17 4.94
C HIS A 61 -23.91 3.90 4.19
N ILE A 62 -22.86 4.64 4.52
CA ILE A 62 -21.58 4.56 3.84
C ILE A 62 -20.55 3.88 4.76
N PHE A 63 -20.00 2.77 4.26
CA PHE A 63 -19.09 1.91 5.01
C PHE A 63 -17.72 2.57 5.14
N ARG A 64 -17.22 3.20 4.06
CA ARG A 64 -15.92 3.84 4.13
C ARG A 64 -16.00 5.23 3.47
N TYR A 65 -16.04 6.24 4.35
CA TYR A 65 -16.44 7.58 3.96
C TYR A 65 -15.21 8.38 3.62
N ILE A 66 -14.63 8.02 2.48
CA ILE A 66 -13.32 8.50 2.12
C ILE A 66 -13.23 8.59 0.59
N GLY A 67 -12.53 9.63 0.10
CA GLY A 67 -12.23 9.81 -1.31
C GLY A 67 -13.47 10.29 -2.06
N LYS A 68 -13.72 9.67 -3.22
CA LYS A 68 -14.64 10.19 -4.21
C LYS A 68 -16.08 10.17 -3.70
N ILE A 69 -16.46 9.13 -2.94
CA ILE A 69 -17.83 9.06 -2.43
C ILE A 69 -18.11 10.25 -1.49
N LYS A 70 -17.07 10.67 -0.76
CA LYS A 70 -17.18 11.77 0.20
C LYS A 70 -17.20 13.10 -0.54
N SER A 71 -16.34 13.28 -1.55
CA SER A 71 -16.36 14.51 -2.36
C SER A 71 -17.70 14.65 -3.08
N GLU A 72 -18.24 13.54 -3.62
CA GLU A 72 -19.49 13.61 -4.35
C GLU A 72 -20.64 13.96 -3.41
N LEU A 73 -20.67 13.34 -2.23
CA LEU A 73 -21.79 13.57 -1.35
C LEU A 73 -21.75 15.03 -0.85
N GLU A 74 -20.53 15.60 -0.73
CA GLU A 74 -20.32 16.90 -0.12
C GLU A 74 -20.67 18.01 -1.11
N LYS A 75 -20.74 17.69 -2.41
CA LYS A 75 -21.28 18.59 -3.40
C LYS A 75 -22.78 18.77 -3.21
N ILE A 76 -23.48 17.75 -2.70
CA ILE A 76 -24.91 17.83 -2.44
C ILE A 76 -25.15 18.46 -1.06
N ILE A 77 -24.48 17.95 -0.02
CA ILE A 77 -24.63 18.43 1.35
C ILE A 77 -23.27 18.74 1.95
N PRO A 78 -22.77 20.00 1.91
CA PRO A 78 -21.48 20.32 2.54
C PRO A 78 -21.45 19.82 3.99
N LEU A 79 -20.25 19.48 4.50
CA LEU A 79 -20.08 19.25 5.93
C LEU A 79 -19.85 20.59 6.63
N LYS A 80 -20.83 20.99 7.47
CA LYS A 80 -20.64 22.08 8.42
C LYS A 80 -19.76 21.57 9.55
N PRO A 81 -20.04 20.39 10.15
CA PRO A 81 -19.04 19.68 10.97
C PRO A 81 -17.58 20.03 10.67
N TYR A 82 -16.68 19.95 11.68
CA TYR A 82 -17.03 19.73 13.08
C TYR A 82 -15.91 20.23 14.00
N ILE A 83 -16.17 21.33 14.73
CA ILE A 83 -15.30 21.78 15.81
C ILE A 83 -15.93 21.39 17.14
N ASN A 84 -15.09 20.81 18.00
CA ASN A 84 -15.39 20.38 19.36
C ASN A 84 -16.05 21.54 20.12
N PRO A 85 -17.28 21.37 20.69
CA PRO A 85 -18.06 22.48 21.25
C PRO A 85 -17.46 23.19 22.46
N LYS A 86 -16.55 22.50 23.16
CA LYS A 86 -15.84 23.06 24.30
C LYS A 86 -14.87 24.17 23.87
N TYR A 87 -14.30 24.02 22.67
CA TYR A 87 -13.30 24.96 22.16
C TYR A 87 -13.85 25.88 21.05
N ALA A 88 -15.18 25.93 20.88
CA ALA A 88 -15.78 26.77 19.86
C ALA A 88 -15.23 28.19 19.95
N LYS A 89 -15.19 28.73 21.17
CA LYS A 89 -14.89 30.13 21.33
C LYS A 89 -13.45 30.41 20.90
N CYS A 90 -12.59 29.38 21.04
CA CYS A 90 -11.18 29.52 20.74
C CYS A 90 -10.98 29.89 19.27
N TYR A 91 -11.88 29.42 18.39
CA TYR A 91 -11.77 29.57 16.94
C TYR A 91 -12.37 30.89 16.49
N THR A 92 -12.84 31.75 17.43
CA THR A 92 -13.36 33.07 17.07
C THR A 92 -12.24 34.10 17.03
N TYR A 93 -11.05 33.78 17.61
CA TYR A 93 -9.92 34.67 17.62
C TYR A 93 -9.12 34.50 16.31
N THR A 94 -8.37 35.54 15.98
CA THR A 94 -7.42 35.47 14.89
C THR A 94 -6.06 35.85 15.44
N ALA A 95 -5.05 35.85 14.55
CA ALA A 95 -3.72 36.30 14.90
C ALA A 95 -3.73 37.71 15.50
N ASN A 96 -4.67 38.59 15.10
CA ASN A 96 -4.70 39.95 15.61
C ASN A 96 -5.30 40.02 17.02
N THR A 97 -6.13 39.07 17.42
CA THR A 97 -6.83 39.19 18.70
C THR A 97 -6.46 38.06 19.71
N ILE A 98 -5.46 37.23 19.42
CA ILE A 98 -5.22 36.06 20.25
C ILE A 98 -4.70 36.47 21.65
N LEU A 99 -4.09 37.66 21.79
CA LEU A 99 -3.66 38.12 23.12
C LEU A 99 -4.83 38.50 24.02
N ASP A 100 -6.06 38.55 23.47
CA ASP A 100 -7.27 38.84 24.25
C ASP A 100 -7.91 37.54 24.70
N ALA A 101 -7.42 36.40 24.20
CA ALA A 101 -8.04 35.11 24.49
C ALA A 101 -7.54 34.59 25.84
N ASN A 102 -8.34 33.74 26.50
CA ASN A 102 -7.90 33.20 27.77
C ASN A 102 -6.78 32.20 27.47
N LEU A 103 -6.15 31.68 28.53
CA LEU A 103 -4.98 30.84 28.39
C LEU A 103 -5.30 29.52 27.72
N THR A 104 -6.46 28.91 28.01
CA THR A 104 -6.81 27.67 27.34
C THR A 104 -6.96 27.88 25.82
N CYS A 105 -7.63 28.99 25.46
CA CYS A 105 -7.84 29.33 24.05
C CYS A 105 -6.49 29.54 23.36
N GLN A 106 -5.56 30.26 24.01
CA GLN A 106 -4.26 30.52 23.44
C GLN A 106 -3.53 29.21 23.17
N SER A 107 -3.58 28.29 24.13
CA SER A 107 -2.81 27.06 23.93
C SER A 107 -3.47 26.14 22.87
N VAL A 108 -4.80 26.06 22.77
CA VAL A 108 -5.46 25.32 21.70
C VAL A 108 -5.04 25.85 20.30
N ARG A 109 -5.11 27.15 20.07
CA ARG A 109 -4.78 27.71 18.76
C ARG A 109 -3.29 27.49 18.42
N LEU A 110 -2.39 27.43 19.41
CA LEU A 110 -0.96 27.24 19.19
C LEU A 110 -0.60 25.78 18.87
N ASN A 111 -1.59 24.88 18.86
CA ASN A 111 -1.40 23.56 18.27
C ASN A 111 -1.09 23.62 16.78
N SER A 112 -1.42 24.73 16.11
CA SER A 112 -1.24 24.87 14.66
C SER A 112 -0.01 25.69 14.34
N LEU A 113 0.93 25.10 13.56
CA LEU A 113 2.14 25.82 13.20
C LEU A 113 1.86 26.91 12.18
N VAL A 114 0.87 26.70 11.29
CA VAL A 114 0.48 27.80 10.41
C VAL A 114 -0.01 28.99 11.26
N PHE A 115 -0.81 28.72 12.28
CA PHE A 115 -1.25 29.77 13.20
C PHE A 115 -0.05 30.49 13.82
N ILE A 116 0.94 29.73 14.37
CA ILE A 116 2.16 30.34 14.89
C ILE A 116 2.90 31.18 13.84
N ALA A 117 3.07 30.65 12.62
CA ALA A 117 3.73 31.37 11.55
C ALA A 117 3.00 32.71 11.26
N SER A 118 1.67 32.75 11.42
CA SER A 118 0.87 33.94 11.06
C SER A 118 1.02 35.05 12.11
N LEU A 119 1.54 34.70 13.31
CA LEU A 119 1.62 35.68 14.39
C LEU A 119 2.68 36.68 14.09
N ASN A 120 2.54 37.86 14.69
CA ASN A 120 3.65 38.78 14.65
C ASN A 120 4.66 38.39 15.74
N SER A 121 5.90 38.80 15.51
CA SER A 121 7.05 38.33 16.27
C SER A 121 6.98 38.83 17.71
N LYS A 122 6.44 40.05 17.94
CA LYS A 122 6.33 40.54 19.31
C LYS A 122 5.35 39.69 20.09
N ASP A 123 4.26 39.24 19.46
CA ASP A 123 3.30 38.38 20.13
C ASP A 123 3.87 36.96 20.34
N ARG A 124 4.74 36.49 19.42
CA ARG A 124 5.42 35.21 19.64
C ARG A 124 6.32 35.29 20.89
N THR A 125 7.04 36.41 21.06
CA THR A 125 7.89 36.63 22.24
C THR A 125 7.09 36.61 23.55
N THR A 126 5.94 37.30 23.56
CA THR A 126 5.05 37.40 24.70
C THR A 126 4.49 36.04 25.07
N LEU A 127 3.95 35.34 24.07
CA LEU A 127 3.35 34.04 24.31
C LEU A 127 4.42 33.02 24.76
N ALA A 128 5.64 33.15 24.26
CA ALA A 128 6.72 32.21 24.63
C ALA A 128 7.01 32.29 26.15
N GLN A 129 7.08 33.52 26.65
CA GLN A 129 7.26 33.78 28.06
C GLN A 129 6.09 33.26 28.87
N THR A 130 4.88 33.51 28.40
CA THR A 130 3.67 33.00 29.06
C THR A 130 3.76 31.49 29.23
N PHE A 131 4.21 30.76 28.21
CA PHE A 131 4.09 29.32 28.21
C PHE A 131 5.38 28.63 28.68
N LYS A 132 6.43 29.36 29.03
CA LYS A 132 7.73 28.72 29.23
C LYS A 132 7.73 27.63 30.29
N ASN A 133 6.99 27.86 31.40
CA ASN A 133 6.96 26.93 32.54
C ASN A 133 6.11 25.71 32.22
N GLN A 134 4.87 25.92 31.78
CA GLN A 134 3.92 24.82 31.63
C GLN A 134 4.03 24.12 30.26
N ARG A 135 4.38 24.87 29.19
CA ARG A 135 4.39 24.32 27.83
C ARG A 135 5.63 24.75 27.07
N PRO A 136 6.82 24.29 27.51
CA PRO A 136 8.09 24.64 26.85
C PRO A 136 8.15 24.19 25.39
N ASP A 137 7.35 23.18 25.02
CA ASP A 137 7.13 22.79 23.62
C ASP A 137 6.59 23.96 22.79
N LEU A 138 5.60 24.69 23.31
CA LEU A 138 5.03 25.87 22.65
C LEU A 138 6.05 27.00 22.61
N THR A 139 6.74 27.26 23.74
CA THR A 139 7.83 28.22 23.79
C THR A 139 8.85 27.97 22.69
N ASN A 140 9.31 26.71 22.56
CA ASN A 140 10.35 26.40 21.58
C ASN A 140 9.89 26.75 20.14
N LEU A 141 8.64 26.42 19.81
CA LEU A 141 8.11 26.67 18.47
C LEU A 141 7.89 28.15 18.23
N LEU A 142 7.38 28.88 19.23
CA LEU A 142 7.18 30.33 19.11
C LEU A 142 8.50 31.01 18.87
N LEU A 143 9.53 30.66 19.65
CA LEU A 143 10.79 31.34 19.47
C LEU A 143 11.44 30.89 18.20
N ALA A 144 11.21 29.64 17.77
CA ALA A 144 11.82 29.13 16.54
C ALA A 144 11.36 29.97 15.33
N PHE A 145 10.05 30.25 15.30
CA PHE A 145 9.41 31.03 14.23
C PHE A 145 9.80 32.52 14.25
N ASN A 146 10.44 33.00 15.33
CA ASN A 146 11.06 34.32 15.35
C ASN A 146 12.42 34.30 14.66
N THR A 147 12.92 33.15 14.18
CA THR A 147 14.20 33.10 13.49
C THR A 147 13.93 32.89 12.01
N SER A 148 14.97 33.08 11.19
CA SER A 148 14.85 32.78 9.78
C SER A 148 14.93 31.27 9.50
N ASP A 149 15.27 30.40 10.48
CA ASP A 149 15.26 28.94 10.25
C ASP A 149 14.77 28.22 11.51
N PRO A 150 13.44 28.04 11.61
CA PRO A 150 12.85 27.41 12.78
C PRO A 150 13.41 26.00 13.01
N MET A 151 13.78 25.27 11.94
CA MET A 151 14.26 23.88 12.11
C MET A 151 15.61 23.88 12.85
N SER A 152 16.50 24.81 12.55
CA SER A 152 17.79 24.91 13.17
C SER A 152 17.67 25.22 14.67
N TYR A 153 16.67 26.06 15.03
CA TYR A 153 16.39 26.38 16.42
C TYR A 153 15.86 25.15 17.18
N ILE A 154 14.92 24.41 16.59
CA ILE A 154 14.33 23.23 17.21
C ILE A 154 15.37 22.11 17.30
N VAL A 155 16.23 21.97 16.30
CA VAL A 155 17.29 20.97 16.35
C VAL A 155 18.32 21.28 17.44
N GLN A 156 18.71 22.56 17.60
CA GLN A 156 19.62 22.97 18.66
C GLN A 156 19.01 22.64 20.02
N LYS A 157 17.69 22.76 20.20
CA LYS A 157 17.03 22.40 21.44
C LYS A 157 16.86 20.88 21.61
N GLU A 158 17.05 20.08 20.55
CA GLU A 158 16.79 18.64 20.53
C GLU A 158 15.36 18.38 20.99
N ASP A 159 14.44 19.25 20.54
CA ASP A 159 13.02 19.07 20.81
C ASP A 159 12.46 18.14 19.75
N ILE A 160 12.27 16.85 20.11
CA ILE A 160 11.88 15.84 19.13
C ILE A 160 10.43 16.03 18.65
N ASN A 161 9.50 16.33 19.56
CA ASN A 161 8.11 16.55 19.19
C ASN A 161 8.02 17.75 18.25
N GLY A 162 8.80 18.79 18.54
CA GLY A 162 8.89 19.99 17.73
C GLY A 162 9.43 19.66 16.33
N PHE A 163 10.43 18.78 16.26
CA PHE A 163 11.03 18.39 15.01
C PHE A 163 9.98 17.80 14.08
N PHE A 164 9.21 16.81 14.57
CA PHE A 164 8.23 16.18 13.72
C PHE A 164 7.09 17.14 13.35
N LYS A 165 6.66 18.02 14.26
CA LYS A 165 5.65 19.04 13.94
C LYS A 165 6.14 19.93 12.80
N LEU A 166 7.41 20.32 12.82
CA LEU A 166 7.98 21.16 11.79
C LEU A 166 8.10 20.43 10.47
N TYR A 167 8.53 19.15 10.53
CA TYR A 167 8.55 18.33 9.33
C TYR A 167 7.15 18.21 8.70
N ASN A 168 6.12 17.91 9.48
CA ASN A 168 4.78 17.79 8.95
C ASN A 168 4.27 19.13 8.41
N TYR A 169 4.66 20.25 9.03
CA TYR A 169 4.38 21.61 8.54
C TYR A 169 5.06 21.86 7.19
N SER A 170 6.35 21.56 7.06
CA SER A 170 7.04 21.72 5.80
C SER A 170 8.16 20.70 5.65
N LYS A 171 8.10 20.01 4.51
CA LYS A 171 9.12 19.07 4.07
C LYS A 171 10.37 19.75 3.49
N LYS A 172 10.34 21.08 3.39
CA LYS A 172 11.43 21.78 2.76
C LYS A 172 12.59 21.99 3.73
N TYR A 173 12.34 22.05 5.05
CA TYR A 173 13.45 22.20 5.96
C TYR A 173 14.40 21.03 5.79
N ASP A 174 15.70 21.30 5.84
CA ASP A 174 16.73 20.24 5.76
C ASP A 174 18.00 20.73 6.46
N LEU A 175 18.58 19.90 7.34
CA LEU A 175 19.72 20.30 8.15
C LEU A 175 20.45 19.02 8.56
N ASP A 176 21.76 19.09 8.77
CA ASP A 176 22.48 18.00 9.39
C ASP A 176 22.05 17.83 10.85
N LEU A 177 21.94 16.54 11.27
CA LEU A 177 21.52 16.15 12.60
C LEU A 177 22.65 15.29 13.19
N ASN A 178 23.03 15.59 14.43
CA ASN A 178 24.18 14.96 15.02
C ASN A 178 23.76 13.58 15.55
N THR A 179 24.73 12.83 16.04
CA THR A 179 24.50 11.43 16.41
C THR A 179 23.49 11.30 17.54
N SER A 180 23.57 12.17 18.53
CA SER A 180 22.65 12.17 19.66
C SER A 180 21.21 12.43 19.22
N LEU A 181 20.98 13.46 18.38
CA LEU A 181 19.64 13.80 17.92
C LEU A 181 19.04 12.70 17.05
N VAL A 182 19.77 12.16 16.08
CA VAL A 182 19.20 11.19 15.15
C VAL A 182 18.83 9.90 15.89
N ASN A 183 19.56 9.55 16.95
CA ASN A 183 19.25 8.39 17.77
C ASN A 183 18.03 8.61 18.68
N LYS A 184 17.57 9.84 18.86
CA LYS A 184 16.33 10.07 19.58
C LYS A 184 15.09 9.97 18.66
N LEU A 185 15.27 10.20 17.37
CA LEU A 185 14.12 10.26 16.46
C LEU A 185 13.30 8.97 16.43
N PRO A 186 13.93 7.76 16.44
CA PRO A 186 13.16 6.52 16.25
C PRO A 186 12.10 6.23 17.29
N ASN A 187 12.17 6.88 18.45
CA ASN A 187 11.21 6.65 19.51
C ASN A 187 9.88 7.36 19.23
N HIS A 188 9.78 8.25 18.23
CA HIS A 188 8.57 9.02 17.96
C HIS A 188 7.77 8.29 16.89
N ILE A 189 6.43 8.31 16.98
CA ILE A 189 5.59 7.53 16.06
C ILE A 189 5.77 7.96 14.59
N GLY A 190 6.13 9.25 14.39
CA GLY A 190 6.31 9.87 13.09
C GLY A 190 7.57 9.41 12.36
N PHE A 191 8.50 8.74 13.08
CA PHE A 191 9.77 8.39 12.50
C PHE A 191 9.61 7.49 11.27
N LYS A 192 8.75 6.48 11.36
CA LYS A 192 8.69 5.45 10.32
C LYS A 192 8.34 6.05 8.93
N ASP A 193 7.30 6.90 8.90
CA ASP A 193 6.87 7.59 7.68
C ASP A 193 7.90 8.64 7.23
N PHE A 194 8.54 9.33 8.18
CA PHE A 194 9.62 10.25 7.88
C PHE A 194 10.77 9.56 7.13
N ALA A 195 11.27 8.47 7.70
CA ALA A 195 12.41 7.77 7.14
C ALA A 195 12.06 7.22 5.78
N GLN A 196 10.90 6.58 5.68
CA GLN A 196 10.50 5.99 4.42
C GLN A 196 10.40 7.04 3.32
N ASN A 197 9.66 8.11 3.60
CA ASN A 197 9.45 9.19 2.61
C ASN A 197 10.75 9.81 2.13
N ILE A 198 11.65 10.20 3.04
CA ILE A 198 12.84 10.89 2.60
C ILE A 198 13.79 9.95 1.87
N ILE A 199 13.83 8.66 2.27
CA ILE A 199 14.71 7.70 1.58
C ILE A 199 14.20 7.38 0.17
N ILE A 200 12.92 7.03 0.06
CA ILE A 200 12.32 6.63 -1.21
C ILE A 200 12.21 7.84 -2.16
N LYS A 201 11.84 9.02 -1.66
CA LYS A 201 11.65 10.17 -2.52
C LYS A 201 12.98 10.84 -2.83
N LYS A 202 14.05 10.44 -2.12
CA LYS A 202 15.38 10.99 -2.32
C LYS A 202 15.29 12.49 -2.10
N GLU A 203 14.73 12.86 -0.96
CA GLU A 203 14.61 14.24 -0.57
C GLU A 203 15.41 14.43 0.70
N ASN A 204 15.45 15.67 1.15
CA ASN A 204 16.09 16.03 2.41
C ASN A 204 17.43 15.34 2.55
N PRO A 205 18.43 15.66 1.70
CA PRO A 205 19.71 14.96 1.75
C PRO A 205 20.55 15.08 3.00
N LYS A 206 20.46 16.20 3.73
CA LYS A 206 21.19 16.32 4.97
C LYS A 206 20.54 15.39 6.02
N PHE A 207 19.20 15.41 6.12
CA PHE A 207 18.54 14.43 6.99
C PHE A 207 18.96 13.00 6.60
N ARG A 208 18.89 12.67 5.31
CA ARG A 208 19.23 11.30 4.86
C ARG A 208 20.63 10.90 5.27
N HIS A 209 21.62 11.77 5.01
CA HIS A 209 22.99 11.48 5.38
C HIS A 209 23.15 11.31 6.90
N SER A 210 22.44 12.12 7.68
CA SER A 210 22.52 12.08 9.12
C SER A 210 22.05 10.69 9.63
N MET A 211 21.10 10.07 8.91
CA MET A 211 20.48 8.84 9.40
C MET A 211 21.42 7.64 9.26
N LEU A 212 22.58 7.83 8.62
CA LEU A 212 23.63 6.83 8.63
C LEU A 212 24.16 6.56 10.05
N GLU A 213 24.02 7.48 10.99
CA GLU A 213 24.57 7.32 12.33
C GLU A 213 23.54 6.82 13.34
N ILE A 214 22.37 6.40 12.88
CA ILE A 214 21.41 5.75 13.76
C ILE A 214 21.98 4.36 14.10
N ASN A 215 22.04 4.10 15.41
CA ASN A 215 22.46 2.81 15.95
C ASN A 215 21.37 1.82 15.58
N PRO A 216 21.69 0.71 14.90
CA PRO A 216 20.67 -0.32 14.63
C PRO A 216 19.94 -0.84 15.87
N GLU A 217 20.59 -0.77 17.05
CA GLU A 217 19.93 -1.13 18.30
C GLU A 217 18.68 -0.30 18.53
N ASN A 218 18.58 0.93 17.96
CA ASN A 218 17.47 1.84 18.26
C ASN A 218 16.31 1.73 17.28
N VAL A 219 16.42 0.88 16.23
CA VAL A 219 15.40 0.77 15.19
C VAL A 219 15.03 -0.70 14.98
N SER A 220 13.90 -0.95 14.31
CA SER A 220 13.49 -2.31 14.05
C SER A 220 12.58 -2.30 12.84
N GLU A 221 12.28 -3.49 12.35
CA GLU A 221 11.28 -3.74 11.31
C GLU A 221 11.52 -2.87 10.09
N ASP A 222 10.46 -2.21 9.59
CA ASP A 222 10.51 -1.48 8.33
C ASP A 222 11.56 -0.36 8.40
N SER A 223 11.59 0.38 9.51
CA SER A 223 12.56 1.47 9.70
C SER A 223 14.00 0.99 9.59
N ALA A 224 14.34 -0.11 10.28
CA ALA A 224 15.66 -0.70 10.13
C ALA A 224 15.95 -1.03 8.67
N PHE A 225 14.97 -1.63 7.99
CA PHE A 225 15.13 -2.04 6.61
C PHE A 225 15.43 -0.83 5.72
N TYR A 226 14.59 0.22 5.81
CA TYR A 226 14.82 1.43 5.03
C TYR A 226 16.15 2.09 5.35
N LEU A 227 16.59 2.03 6.61
CA LEU A 227 17.91 2.56 6.94
C LEU A 227 19.04 1.76 6.31
N GLY A 228 18.82 0.45 6.12
CA GLY A 228 19.71 -0.39 5.30
C GLY A 228 19.82 0.10 3.87
N VAL A 229 18.65 0.32 3.24
CA VAL A 229 18.56 0.82 1.87
C VAL A 229 19.29 2.17 1.76
N ASN A 230 19.02 3.04 2.73
CA ASN A 230 19.68 4.34 2.84
C ASN A 230 21.21 4.16 2.85
N ALA A 231 21.71 3.29 3.73
CA ALA A 231 23.15 3.07 3.81
C ALA A 231 23.70 2.59 2.46
N LEU A 232 23.01 1.70 1.77
CA LEU A 232 23.49 1.24 0.47
C LEU A 232 23.64 2.40 -0.51
N THR A 233 22.74 3.41 -0.48
CA THR A 233 22.81 4.49 -1.46
C THR A 233 24.05 5.34 -1.25
N TYR A 234 24.64 5.35 -0.03
CA TYR A 234 25.89 6.04 0.26
C TYR A 234 27.06 5.07 0.25
N ASP A 235 26.84 3.83 -0.24
CA ASP A 235 27.83 2.75 -0.30
C ASP A 235 28.50 2.49 1.06
N LYS A 236 27.69 2.48 2.12
CA LYS A 236 28.14 2.16 3.44
C LYS A 236 27.65 0.73 3.73
N THR A 237 28.37 -0.26 3.17
CA THR A 237 27.86 -1.63 3.08
C THR A 237 27.84 -2.30 4.45
N GLU A 238 28.85 -2.06 5.31
CA GLU A 238 28.85 -2.59 6.67
C GLU A 238 27.69 -2.04 7.50
N LEU A 239 27.45 -0.72 7.47
CA LEU A 239 26.26 -0.19 8.15
C LEU A 239 24.98 -0.84 7.59
N ALA A 240 24.88 -0.99 6.27
CA ALA A 240 23.69 -1.52 5.63
C ALA A 240 23.43 -2.91 6.18
N TYR A 241 24.46 -3.76 6.18
CA TYR A 241 24.34 -5.12 6.70
C TYR A 241 23.78 -5.11 8.13
N ASP A 242 24.30 -4.24 9.01
CA ASP A 242 23.84 -4.20 10.38
C ASP A 242 22.37 -3.79 10.49
N PHE A 243 21.92 -2.84 9.66
CA PHE A 243 20.50 -2.50 9.65
C PHE A 243 19.63 -3.65 9.14
N PHE A 244 20.06 -4.28 8.05
CA PHE A 244 19.26 -5.35 7.45
C PHE A 244 19.18 -6.57 8.42
N LYS A 245 20.26 -6.82 9.15
CA LYS A 245 20.28 -7.89 10.13
C LYS A 245 19.29 -7.63 11.24
N LYS A 246 19.21 -6.36 11.70
CA LYS A 246 18.25 -5.98 12.72
C LYS A 246 16.81 -6.13 12.19
N ALA A 247 16.59 -5.73 10.93
CA ALA A 247 15.32 -5.93 10.29
C ALA A 247 14.95 -7.41 10.25
N ALA A 248 15.89 -8.29 9.84
CA ALA A 248 15.60 -9.74 9.71
C ALA A 248 15.21 -10.31 11.07
N GLN A 249 15.85 -9.80 12.13
CA GLN A 249 15.55 -10.28 13.48
C GLN A 249 14.21 -9.80 13.99
N SER A 250 13.71 -8.64 13.54
CA SER A 250 12.60 -7.99 14.20
C SER A 250 11.32 -8.02 13.39
N PHE A 251 11.40 -8.23 12.06
CA PHE A 251 10.24 -8.20 11.23
C PHE A 251 9.27 -9.31 11.69
N LYS A 252 7.99 -9.01 11.70
CA LYS A 252 6.97 -9.99 12.09
C LYS A 252 6.72 -11.00 10.97
N SER A 253 6.64 -10.54 9.71
CA SER A 253 6.26 -11.44 8.63
C SER A 253 7.51 -12.11 8.02
N GLN A 254 7.37 -13.41 7.73
CA GLN A 254 8.43 -14.20 7.13
C GLN A 254 8.85 -13.60 5.79
N SER A 255 7.88 -13.13 4.95
CA SER A 255 8.19 -12.55 3.64
C SER A 255 9.12 -11.34 3.77
N ASN A 256 8.82 -10.45 4.75
CA ASN A 256 9.73 -9.32 5.01
C ASN A 256 11.06 -9.78 5.59
N LYS A 257 11.08 -10.74 6.54
CA LYS A 257 12.36 -11.27 7.04
C LYS A 257 13.23 -11.77 5.90
N ASP A 258 12.59 -12.46 4.94
CA ASP A 258 13.32 -13.01 3.80
C ASP A 258 13.94 -11.94 2.93
N ASN A 259 13.20 -10.83 2.73
CA ASN A 259 13.75 -9.70 1.99
C ASN A 259 15.01 -9.16 2.67
N ALA A 260 14.98 -9.03 4.01
CA ALA A 260 16.11 -8.56 4.81
C ALA A 260 17.31 -9.49 4.78
N ILE A 261 17.03 -10.79 4.89
CA ILE A 261 18.06 -11.85 4.80
C ILE A 261 18.71 -11.87 3.42
N PHE A 262 17.92 -11.64 2.36
CA PHE A 262 18.48 -11.55 1.03
C PHE A 262 19.53 -10.44 0.94
N TRP A 263 19.22 -9.27 1.55
CA TRP A 263 20.19 -8.18 1.54
C TRP A 263 21.45 -8.52 2.34
N MET A 264 21.30 -9.15 3.52
CA MET A 264 22.43 -9.62 4.32
C MET A 264 23.35 -10.49 3.44
N TRP A 265 22.73 -11.41 2.69
CA TRP A 265 23.48 -12.28 1.79
C TRP A 265 24.18 -11.54 0.64
N LEU A 266 23.43 -10.66 -0.08
CA LEU A 266 23.99 -9.91 -1.18
C LEU A 266 25.20 -9.06 -0.78
N ILE A 267 25.16 -8.52 0.45
CA ILE A 267 26.19 -7.62 0.90
C ILE A 267 27.36 -8.43 1.45
N LYS A 268 27.13 -9.42 2.31
CA LYS A 268 28.28 -10.04 2.96
C LYS A 268 28.56 -11.46 2.50
N ASN A 269 27.69 -12.07 1.68
CA ASN A 269 27.97 -13.36 1.04
C ASN A 269 28.13 -14.51 2.02
N ASN A 270 27.47 -14.46 3.19
CA ASN A 270 27.50 -15.58 4.12
C ASN A 270 26.55 -16.66 3.62
N GLU A 271 27.08 -17.86 3.36
CA GLU A 271 26.26 -18.90 2.76
C GLU A 271 25.26 -19.49 3.75
N GLU A 272 25.42 -19.28 5.07
CA GLU A 272 24.34 -19.64 6.00
C GLU A 272 23.07 -18.75 5.83
N ASP A 273 23.22 -17.47 5.47
CA ASP A 273 22.11 -16.56 5.23
C ASP A 273 21.34 -17.06 4.01
N LEU A 274 22.05 -17.45 2.96
CA LEU A 274 21.40 -17.94 1.75
C LEU A 274 20.69 -19.26 2.00
N LYS A 275 21.31 -20.11 2.79
CA LYS A 275 20.67 -21.37 3.13
C LYS A 275 19.40 -21.13 3.93
N THR A 276 19.47 -20.27 4.95
CA THR A 276 18.24 -19.93 5.66
C THR A 276 17.12 -19.43 4.73
N LEU A 277 17.46 -18.52 3.83
CA LEU A 277 16.51 -18.00 2.86
C LEU A 277 15.93 -19.10 1.98
N SER A 278 16.79 -20.05 1.49
CA SER A 278 16.33 -21.11 0.61
C SER A 278 15.37 -22.07 1.31
N GLN A 279 15.37 -22.11 2.65
CA GLN A 279 14.48 -23.01 3.41
C GLN A 279 13.28 -22.26 3.97
N SER A 280 13.07 -20.99 3.59
CA SER A 280 11.91 -20.25 4.07
C SER A 280 10.58 -20.96 3.78
N SER A 281 9.65 -20.81 4.73
CA SER A 281 8.24 -21.21 4.57
C SER A 281 7.46 -20.22 3.71
N SER A 282 7.98 -19.00 3.50
CA SER A 282 7.35 -18.01 2.64
C SER A 282 7.83 -18.20 1.21
N LEU A 283 6.88 -18.23 0.30
CA LEU A 283 7.15 -18.19 -1.13
C LEU A 283 7.12 -16.74 -1.61
N ASN A 284 8.27 -16.22 -2.00
CA ASN A 284 8.42 -14.84 -2.43
C ASN A 284 9.62 -14.87 -3.38
N ILE A 285 9.89 -13.75 -4.07
CA ILE A 285 10.98 -13.73 -5.03
C ILE A 285 12.35 -14.08 -4.42
N TYR A 286 12.59 -13.73 -3.16
CA TYR A 286 13.86 -13.90 -2.48
C TYR A 286 14.09 -15.39 -2.17
N SER A 287 13.09 -16.02 -1.58
CA SER A 287 13.17 -17.46 -1.28
C SER A 287 13.25 -18.28 -2.57
N LEU A 288 12.52 -17.88 -3.62
CA LEU A 288 12.58 -18.57 -4.91
C LEU A 288 13.98 -18.44 -5.49
N TYR A 289 14.53 -17.22 -5.47
CA TYR A 289 15.87 -16.99 -5.98
C TYR A 289 16.91 -17.85 -5.24
N ALA A 290 16.85 -17.84 -3.90
CA ALA A 290 17.77 -18.61 -3.06
C ALA A 290 17.69 -20.11 -3.37
N LYS A 291 16.47 -20.61 -3.62
CA LYS A 291 16.28 -22.01 -3.97
C LYS A 291 16.96 -22.32 -5.30
N GLU A 292 16.80 -21.41 -6.26
CA GLU A 292 17.42 -21.61 -7.54
C GLU A 292 18.95 -21.60 -7.45
N LEU A 293 19.52 -20.66 -6.66
CA LEU A 293 20.97 -20.53 -6.50
C LEU A 293 21.59 -21.74 -5.80
N THR A 294 20.81 -22.50 -5.03
CA THR A 294 21.36 -23.58 -4.21
C THR A 294 20.93 -24.95 -4.74
N ASN A 295 20.29 -24.99 -5.91
CA ASN A 295 19.77 -26.21 -6.49
C ASN A 295 18.77 -26.89 -5.55
N THR A 296 17.95 -26.10 -4.82
CA THR A 296 16.89 -26.62 -3.98
C THR A 296 15.65 -26.83 -4.85
N PRO A 297 14.86 -27.91 -4.65
CA PRO A 297 13.62 -28.12 -5.38
C PRO A 297 12.62 -26.97 -5.23
N PHE A 298 11.84 -26.77 -6.29
CA PHE A 298 10.76 -25.79 -6.32
C PHE A 298 9.79 -26.07 -5.19
N PRO A 299 9.23 -25.03 -4.51
CA PRO A 299 8.33 -25.32 -3.39
C PRO A 299 7.10 -26.08 -3.88
N LYS A 300 6.55 -26.85 -2.95
CA LYS A 300 5.34 -27.62 -3.14
C LYS A 300 4.10 -26.72 -3.24
N ILE A 301 3.38 -26.89 -4.34
CA ILE A 301 2.14 -26.16 -4.57
C ILE A 301 0.95 -27.09 -4.35
N GLU A 302 -0.02 -26.69 -3.52
CA GLU A 302 -1.21 -27.47 -3.30
C GLU A 302 -1.98 -27.64 -4.61
N SER A 303 -2.70 -28.77 -4.64
CA SER A 303 -3.57 -29.05 -5.77
C SER A 303 -4.99 -29.14 -5.20
N LEU A 304 -5.87 -28.23 -5.62
CA LEU A 304 -7.24 -28.23 -5.18
C LEU A 304 -8.09 -28.72 -6.34
N ASN A 305 -8.79 -29.83 -6.18
CA ASN A 305 -9.60 -30.34 -7.28
C ASN A 305 -10.93 -30.83 -6.69
N PRO A 306 -11.88 -29.92 -6.40
CA PRO A 306 -13.16 -30.32 -5.79
C PRO A 306 -13.94 -31.13 -6.83
N SER A 307 -14.55 -32.23 -6.38
CA SER A 307 -15.40 -33.02 -7.28
C SER A 307 -16.81 -32.44 -7.37
N LYS A 308 -17.36 -31.87 -6.28
CA LYS A 308 -18.62 -31.14 -6.33
C LYS A 308 -18.53 -30.01 -7.37
N LYS A 309 -19.59 -29.87 -8.17
CA LYS A 309 -19.63 -28.93 -9.28
C LYS A 309 -20.10 -27.55 -8.82
N LYS A 310 -21.13 -27.47 -7.97
CA LYS A 310 -21.64 -26.17 -7.53
C LYS A 310 -22.31 -26.28 -6.16
N ASN A 311 -22.68 -25.12 -5.62
CA ASN A 311 -23.62 -25.02 -4.52
C ASN A 311 -24.56 -23.85 -4.83
N ASN A 312 -25.32 -23.42 -3.82
CA ASN A 312 -26.36 -22.42 -4.00
C ASN A 312 -25.80 -20.98 -4.01
N PHE A 313 -24.50 -20.80 -3.75
CA PHE A 313 -23.93 -19.48 -3.64
C PHE A 313 -23.85 -18.86 -5.04
N ASN A 314 -24.24 -17.59 -5.10
CA ASN A 314 -24.13 -16.78 -6.30
C ASN A 314 -22.80 -16.01 -6.34
N MET A 315 -21.90 -16.49 -7.21
CA MET A 315 -20.57 -15.92 -7.42
C MET A 315 -20.67 -14.60 -8.19
N GLN A 316 -21.88 -14.23 -8.65
CA GLN A 316 -22.04 -13.00 -9.39
C GLN A 316 -22.78 -11.95 -8.56
N ASP A 317 -23.05 -12.22 -7.28
CA ASP A 317 -23.69 -11.23 -6.41
C ASP A 317 -22.66 -10.52 -5.54
N PRO A 318 -22.36 -9.22 -5.79
CA PRO A 318 -21.33 -8.53 -5.03
C PRO A 318 -21.65 -8.42 -3.53
N PHE A 319 -22.95 -8.30 -3.19
CA PHE A 319 -23.39 -8.18 -1.81
C PHE A 319 -23.17 -9.48 -1.03
N ALA A 320 -23.43 -10.63 -1.65
CA ALA A 320 -23.20 -11.94 -1.06
C ALA A 320 -21.72 -12.18 -0.74
N TRP A 321 -20.82 -11.72 -1.62
CA TRP A 321 -19.38 -11.82 -1.35
C TRP A 321 -19.01 -10.97 -0.14
N GLN A 322 -19.48 -9.71 -0.06
CA GLN A 322 -19.15 -8.86 1.09
C GLN A 322 -19.52 -9.54 2.42
N LYS A 323 -20.68 -10.18 2.47
CA LYS A 323 -21.23 -10.84 3.64
C LYS A 323 -20.43 -12.10 4.02
N ILE A 324 -20.12 -12.95 3.03
CA ILE A 324 -19.41 -14.20 3.30
C ILE A 324 -17.95 -13.88 3.64
N ASN A 325 -17.37 -12.81 3.06
CA ASN A 325 -16.00 -12.44 3.38
C ASN A 325 -15.87 -12.07 4.86
N LYS A 326 -16.82 -11.23 5.31
CA LYS A 326 -16.87 -10.81 6.70
C LYS A 326 -16.95 -12.02 7.64
N GLN A 327 -17.85 -12.96 7.34
CA GLN A 327 -17.98 -14.21 8.07
C GLN A 327 -16.67 -15.01 8.10
N ILE A 328 -16.08 -15.21 6.94
CA ILE A 328 -14.84 -15.95 6.85
C ILE A 328 -13.76 -15.29 7.72
N ARG A 329 -13.60 -13.95 7.68
CA ARG A 329 -12.50 -13.29 8.38
C ARG A 329 -12.73 -13.23 9.91
N ASP A 330 -13.97 -13.41 10.37
CA ASP A 330 -14.32 -13.46 11.79
C ASP A 330 -14.47 -14.91 12.27
N ALA A 331 -14.32 -15.91 11.39
CA ALA A 331 -14.55 -17.30 11.77
C ALA A 331 -13.40 -17.82 12.63
N ASN A 332 -13.78 -18.50 13.71
CA ASN A 332 -12.85 -19.19 14.59
C ASN A 332 -12.40 -20.47 13.87
N ALA A 333 -11.38 -21.16 14.41
CA ALA A 333 -10.80 -22.35 13.78
C ALA A 333 -11.89 -23.37 13.39
N SER A 334 -12.92 -23.51 14.22
CA SER A 334 -14.01 -24.45 13.99
C SER A 334 -14.97 -24.05 12.87
N GLN A 335 -15.27 -22.74 12.75
CA GLN A 335 -16.24 -22.24 11.77
C GLN A 335 -15.60 -22.31 10.37
N LEU A 336 -14.28 -22.10 10.28
CA LEU A 336 -13.52 -22.24 9.04
C LEU A 336 -13.69 -23.63 8.44
N ASP A 337 -13.84 -24.69 9.26
CA ASP A 337 -13.95 -26.06 8.77
C ASP A 337 -15.33 -26.32 8.19
N VAL A 338 -16.37 -25.73 8.79
CA VAL A 338 -17.70 -25.82 8.21
C VAL A 338 -17.77 -25.09 6.86
N LEU A 339 -17.23 -23.86 6.82
CA LEU A 339 -17.20 -23.03 5.61
C LEU A 339 -16.41 -23.75 4.51
N ALA A 340 -15.27 -24.36 4.89
CA ALA A 340 -14.41 -25.09 3.95
C ALA A 340 -15.22 -26.16 3.24
N LYS A 341 -15.99 -26.95 4.00
CA LYS A 341 -16.82 -28.00 3.44
C LYS A 341 -17.91 -27.43 2.55
N GLU A 342 -18.60 -26.35 3.01
CA GLU A 342 -19.68 -25.75 2.23
C GLU A 342 -19.16 -25.27 0.86
N PHE A 343 -17.96 -24.66 0.80
CA PHE A 343 -17.47 -24.01 -0.43
C PHE A 343 -16.51 -24.88 -1.24
N ASP A 344 -16.36 -26.16 -0.84
CA ASP A 344 -15.53 -27.12 -1.55
C ASP A 344 -16.22 -27.59 -2.82
N THR A 345 -16.38 -26.68 -3.80
CA THR A 345 -16.98 -26.97 -5.08
C THR A 345 -16.18 -26.28 -6.16
N GLN A 346 -16.36 -26.70 -7.42
CA GLN A 346 -15.70 -26.10 -8.58
C GLN A 346 -16.15 -24.66 -8.77
N GLU A 347 -17.47 -24.39 -8.67
CA GLU A 347 -17.98 -23.05 -8.97
C GLU A 347 -17.47 -22.03 -7.93
N THR A 348 -17.27 -22.47 -6.68
CA THR A 348 -16.82 -21.59 -5.60
C THR A 348 -15.36 -21.87 -5.21
N LEU A 349 -14.52 -22.33 -6.16
CA LEU A 349 -13.13 -22.66 -5.89
C LEU A 349 -12.35 -21.45 -5.30
N PRO A 350 -12.50 -20.22 -5.84
CA PRO A 350 -11.79 -19.07 -5.24
C PRO A 350 -12.15 -18.84 -3.76
N ILE A 351 -13.43 -19.05 -3.41
CA ILE A 351 -13.81 -18.93 -2.00
C ILE A 351 -13.18 -20.08 -1.18
N TYR A 352 -13.17 -21.30 -1.70
CA TYR A 352 -12.55 -22.42 -1.03
C TYR A 352 -11.07 -22.12 -0.75
N ALA A 353 -10.29 -21.67 -1.75
CA ALA A 353 -8.86 -21.46 -1.54
C ALA A 353 -8.64 -20.35 -0.50
N TYR A 354 -9.55 -19.36 -0.51
CA TYR A 354 -9.50 -18.24 0.43
C TYR A 354 -9.70 -18.74 1.86
N ILE A 355 -10.68 -19.63 2.06
CA ILE A 355 -10.89 -20.26 3.36
C ILE A 355 -9.69 -21.09 3.81
N LEU A 356 -9.15 -21.95 2.91
CA LEU A 356 -8.01 -22.81 3.22
C LEU A 356 -6.79 -22.00 3.61
N GLU A 357 -6.56 -20.84 2.95
CA GLU A 357 -5.44 -19.98 3.27
C GLU A 357 -5.49 -19.60 4.76
N ARG A 358 -6.67 -19.23 5.31
CA ARG A 358 -6.80 -18.94 6.74
C ARG A 358 -6.76 -20.22 7.60
N LYS A 359 -7.41 -21.27 7.17
CA LYS A 359 -7.56 -22.49 7.96
C LYS A 359 -6.22 -23.15 8.25
N ASN A 360 -5.24 -22.99 7.34
CA ASN A 360 -3.91 -23.60 7.43
C ASN A 360 -2.89 -22.56 7.89
N ASN A 361 -3.40 -21.46 8.49
CA ASN A 361 -2.58 -20.47 9.18
C ASN A 361 -1.56 -19.85 8.22
N PHE A 362 -1.92 -19.79 6.92
CA PHE A 362 -1.12 -19.19 5.86
C PHE A 362 0.22 -19.92 5.65
N LYS A 363 0.25 -21.26 5.72
CA LYS A 363 1.48 -22.05 5.59
C LYS A 363 1.54 -22.84 4.28
N LYS A 364 0.42 -23.01 3.58
CA LYS A 364 0.42 -23.79 2.36
C LYS A 364 0.30 -22.83 1.17
N HIS A 365 0.74 -23.28 0.01
CA HIS A 365 0.79 -22.44 -1.19
C HIS A 365 -0.35 -22.82 -2.12
N TYR A 366 -1.30 -21.89 -2.28
CA TYR A 366 -2.46 -22.14 -3.14
C TYR A 366 -2.36 -21.22 -4.35
N PHE A 367 -2.31 -21.85 -5.52
CA PHE A 367 -2.16 -21.16 -6.77
C PHE A 367 -3.20 -21.74 -7.73
N ILE A 368 -4.45 -21.31 -7.58
CA ILE A 368 -5.53 -21.90 -8.35
C ILE A 368 -5.56 -21.28 -9.74
N MET A 369 -6.32 -21.94 -10.64
CA MET A 369 -6.48 -21.50 -12.01
C MET A 369 -7.94 -21.62 -12.40
N PRO A 370 -8.82 -20.77 -11.83
CA PRO A 370 -10.25 -20.91 -12.07
C PRO A 370 -10.66 -20.29 -13.39
N TYR A 371 -11.82 -20.72 -13.95
CA TYR A 371 -12.35 -20.20 -15.19
C TYR A 371 -11.29 -20.35 -16.30
N TYR A 372 -10.52 -21.44 -16.25
CA TYR A 372 -9.33 -21.65 -17.08
C TYR A 372 -9.69 -21.76 -18.58
N ASP A 373 -10.92 -22.19 -18.87
CA ASP A 373 -11.38 -22.26 -20.26
C ASP A 373 -11.23 -20.94 -20.99
N ASN A 374 -11.33 -19.79 -20.29
CA ASN A 374 -11.20 -18.50 -20.91
C ASN A 374 -9.77 -18.13 -21.27
N ILE A 375 -8.75 -18.81 -20.73
CA ILE A 375 -7.38 -18.42 -21.07
C ILE A 375 -6.59 -19.56 -21.72
N LYS A 376 -7.16 -20.75 -21.87
CA LYS A 376 -6.37 -21.92 -22.25
C LYS A 376 -5.84 -21.79 -23.69
N ASP A 377 -6.36 -20.84 -24.48
CA ASP A 377 -5.91 -20.64 -25.86
C ASP A 377 -4.87 -19.54 -25.96
N TYR A 378 -4.59 -18.81 -24.88
CA TYR A 378 -3.42 -17.94 -24.88
C TYR A 378 -2.15 -18.78 -24.73
N ASN A 379 -1.03 -18.22 -25.11
CA ASN A 379 0.22 -18.92 -24.82
C ASN A 379 0.45 -18.93 -23.31
N LYS A 380 1.20 -19.94 -22.87
CA LYS A 380 1.41 -20.24 -21.46
C LYS A 380 2.06 -19.10 -20.68
N THR A 381 2.93 -18.30 -21.30
CA THR A 381 3.60 -17.21 -20.62
C THR A 381 2.57 -16.11 -20.32
N ARG A 382 1.65 -15.91 -21.27
CA ARG A 382 0.56 -14.95 -21.12
C ARG A 382 -0.41 -15.44 -20.06
N GLN A 383 -0.77 -16.72 -20.08
CA GLN A 383 -1.63 -17.32 -19.09
C GLN A 383 -1.07 -17.05 -17.70
N ALA A 384 0.25 -17.25 -17.54
CA ALA A 384 0.89 -17.13 -16.24
C ALA A 384 0.80 -15.69 -15.73
N LEU A 385 1.04 -14.72 -16.60
CA LEU A 385 0.99 -13.30 -16.24
C LEU A 385 -0.43 -12.90 -15.84
N ILE A 386 -1.44 -13.35 -16.63
CA ILE A 386 -2.83 -13.11 -16.27
C ILE A 386 -3.16 -13.67 -14.89
N LEU A 387 -2.80 -14.94 -14.66
CA LEU A 387 -3.09 -15.60 -13.40
C LEU A 387 -2.35 -14.91 -12.23
N ALA A 388 -1.12 -14.48 -12.49
CA ALA A 388 -0.26 -13.85 -11.47
C ALA A 388 -0.89 -12.56 -10.98
N ILE A 389 -1.42 -11.79 -11.94
CA ILE A 389 -2.10 -10.51 -11.70
C ILE A 389 -3.42 -10.76 -10.97
N ALA A 390 -4.25 -11.71 -11.41
CA ALA A 390 -5.54 -11.97 -10.79
C ALA A 390 -5.37 -12.44 -9.34
N ARG A 391 -4.38 -13.32 -9.11
CA ARG A 391 -4.13 -13.80 -7.77
C ARG A 391 -3.86 -12.65 -6.80
N GLN A 392 -3.00 -11.69 -7.13
CA GLN A 392 -2.71 -10.58 -6.25
C GLN A 392 -3.89 -9.57 -6.20
N GLU A 393 -4.56 -9.36 -7.34
CA GLU A 393 -5.59 -8.33 -7.47
C GLU A 393 -6.80 -8.68 -6.63
N SER A 394 -7.24 -9.94 -6.65
CA SER A 394 -8.56 -10.29 -6.20
C SER A 394 -8.65 -11.60 -5.45
N ARG A 395 -7.57 -12.39 -5.54
CA ARG A 395 -7.62 -13.80 -5.15
C ARG A 395 -8.69 -14.54 -5.98
N PHE A 396 -8.93 -14.07 -7.21
CA PHE A 396 -9.88 -14.68 -8.15
C PHE A 396 -11.34 -14.55 -7.71
N ILE A 397 -11.66 -13.62 -6.78
CA ILE A 397 -13.05 -13.38 -6.41
C ILE A 397 -13.70 -12.58 -7.52
N PRO A 398 -14.70 -13.13 -8.23
CA PRO A 398 -15.28 -12.41 -9.38
C PRO A 398 -15.90 -11.06 -9.08
N THR A 399 -16.52 -10.89 -7.88
CA THR A 399 -17.12 -9.61 -7.51
C THR A 399 -16.26 -8.79 -6.54
N ALA A 400 -14.93 -8.96 -6.60
CA ALA A 400 -14.04 -8.15 -5.76
C ALA A 400 -14.20 -6.68 -6.10
N ILE A 401 -14.22 -5.85 -5.04
CA ILE A 401 -14.27 -4.40 -5.14
C ILE A 401 -13.22 -3.80 -4.21
N SER A 402 -12.36 -2.93 -4.74
CA SER A 402 -11.34 -2.27 -3.95
C SER A 402 -11.92 -1.03 -3.27
N VAL A 403 -11.13 -0.45 -2.37
CA VAL A 403 -11.52 0.79 -1.70
C VAL A 403 -11.63 1.92 -2.72
N SER A 404 -11.05 1.79 -3.93
CA SER A 404 -11.24 2.82 -4.93
C SER A 404 -12.19 2.38 -6.05
N TYR A 405 -12.92 1.29 -5.80
CA TYR A 405 -13.97 0.71 -6.63
C TYR A 405 -13.37 0.17 -7.93
N ALA A 406 -12.15 -0.39 -7.84
CA ALA A 406 -11.67 -1.27 -8.89
C ALA A 406 -12.49 -2.55 -8.82
N LEU A 407 -12.79 -3.15 -9.99
CA LEU A 407 -13.79 -4.22 -10.12
C LEU A 407 -13.26 -5.53 -10.68
N GLY A 408 -13.77 -6.61 -10.08
CA GLY A 408 -13.68 -7.99 -10.54
C GLY A 408 -12.30 -8.63 -10.32
N MET A 409 -12.06 -9.77 -10.96
CA MET A 409 -10.85 -10.57 -10.78
C MET A 409 -9.59 -9.83 -11.20
N MET A 410 -9.69 -8.93 -12.16
CA MET A 410 -8.52 -8.26 -12.70
C MET A 410 -8.48 -6.81 -12.22
N GLN A 411 -9.45 -6.41 -11.38
CA GLN A 411 -9.43 -5.11 -10.71
C GLN A 411 -9.22 -3.91 -11.64
N PHE A 412 -10.13 -3.82 -12.63
CA PHE A 412 -10.19 -2.67 -13.49
C PHE A 412 -10.91 -1.51 -12.78
N MET A 413 -10.30 -0.34 -12.88
CA MET A 413 -10.97 0.90 -12.55
C MET A 413 -12.07 1.14 -13.60
N PRO A 414 -13.25 1.66 -13.21
CA PRO A 414 -14.31 1.99 -14.16
C PRO A 414 -13.82 2.72 -15.42
N PHE A 415 -12.90 3.68 -15.29
CA PHE A 415 -12.43 4.48 -16.41
C PHE A 415 -11.92 3.56 -17.52
N LEU A 416 -11.07 2.61 -17.10
CA LEU A 416 -10.40 1.74 -18.04
C LEU A 416 -11.37 0.69 -18.57
N ALA A 417 -12.23 0.15 -17.72
CA ALA A 417 -13.24 -0.81 -18.13
C ALA A 417 -14.08 -0.21 -19.26
N ASN A 418 -14.47 1.07 -19.11
CA ASN A 418 -15.39 1.71 -20.06
C ASN A 418 -14.67 2.08 -21.34
N HIS A 419 -13.42 2.52 -21.22
CA HIS A 419 -12.61 2.81 -22.39
C HIS A 419 -12.48 1.55 -23.24
N ILE A 420 -12.14 0.43 -22.62
CA ILE A 420 -11.93 -0.81 -23.37
C ILE A 420 -13.26 -1.36 -23.88
N GLY A 421 -14.28 -1.41 -23.01
CA GLY A 421 -15.53 -2.10 -23.26
C GLY A 421 -16.42 -1.35 -24.28
N GLU A 422 -16.40 -0.01 -24.24
CA GLU A 422 -17.29 0.83 -25.04
C GLU A 422 -16.52 1.44 -26.21
N LYS A 423 -15.47 2.18 -25.92
CA LYS A 423 -14.72 2.85 -26.98
C LYS A 423 -14.02 1.82 -27.87
N GLU A 424 -13.21 0.91 -27.30
CA GLU A 424 -12.36 0.04 -28.11
C GLU A 424 -13.14 -1.16 -28.65
N LEU A 425 -13.81 -1.95 -27.81
CA LEU A 425 -14.40 -3.20 -28.26
C LEU A 425 -15.84 -3.03 -28.73
N LYS A 426 -16.47 -1.91 -28.37
CA LYS A 426 -17.82 -1.58 -28.78
C LYS A 426 -18.80 -2.72 -28.46
N ILE A 427 -18.66 -3.26 -27.24
CA ILE A 427 -19.54 -4.33 -26.81
C ILE A 427 -20.94 -3.73 -26.61
N PRO A 428 -21.99 -4.31 -27.25
CA PRO A 428 -23.32 -3.71 -27.16
C PRO A 428 -23.83 -3.77 -25.71
N ASN A 429 -24.38 -2.63 -25.23
CA ASN A 429 -25.01 -2.55 -23.91
C ASN A 429 -23.98 -2.77 -22.79
N PHE A 430 -22.71 -2.44 -23.07
CA PHE A 430 -21.61 -2.66 -22.14
C PHE A 430 -21.94 -1.87 -20.87
N ASP A 431 -21.74 -2.52 -19.71
CA ASP A 431 -21.70 -1.78 -18.46
C ASP A 431 -20.45 -2.21 -17.69
N GLN A 432 -19.81 -1.27 -16.98
CA GLN A 432 -18.64 -1.54 -16.15
C GLN A 432 -18.81 -2.76 -15.25
N ASP A 433 -20.05 -3.10 -14.85
CA ASP A 433 -20.26 -4.26 -14.00
C ASP A 433 -19.98 -5.57 -14.74
N PHE A 434 -19.82 -5.51 -16.08
CA PHE A 434 -19.43 -6.70 -16.82
C PHE A 434 -18.04 -7.22 -16.37
N MET A 435 -17.23 -6.35 -15.78
CA MET A 435 -15.93 -6.71 -15.19
C MET A 435 -16.05 -7.75 -14.10
N PHE A 436 -17.25 -7.93 -13.51
CA PHE A 436 -17.50 -9.02 -12.58
C PHE A 436 -17.63 -10.38 -13.23
N LYS A 437 -17.78 -10.45 -14.58
CA LYS A 437 -17.85 -11.74 -15.25
C LYS A 437 -16.41 -12.22 -15.55
N PRO A 438 -16.00 -13.43 -15.13
CA PRO A 438 -14.63 -13.93 -15.40
C PRO A 438 -14.22 -13.88 -16.87
N GLU A 439 -15.14 -14.23 -17.78
CA GLU A 439 -14.84 -14.19 -19.21
C GLU A 439 -14.44 -12.80 -19.61
N ILE A 440 -15.10 -11.79 -19.04
CA ILE A 440 -14.81 -10.43 -19.43
C ILE A 440 -13.49 -9.97 -18.77
N ALA A 441 -13.33 -10.28 -17.47
CA ALA A 441 -12.14 -9.86 -16.73
C ALA A 441 -10.86 -10.37 -17.45
N TYR A 442 -10.83 -11.65 -17.80
CA TYR A 442 -9.62 -12.27 -18.40
C TYR A 442 -9.37 -11.75 -19.81
N TYR A 443 -10.47 -11.48 -20.55
CA TYR A 443 -10.39 -10.97 -21.92
C TYR A 443 -9.84 -9.56 -21.88
N PHE A 444 -10.39 -8.72 -20.98
CA PHE A 444 -9.90 -7.35 -20.86
C PHE A 444 -8.49 -7.32 -20.30
N GLY A 445 -8.23 -8.18 -19.33
CA GLY A 445 -6.87 -8.28 -18.81
C GLY A 445 -5.84 -8.62 -19.89
N ASN A 446 -6.17 -9.61 -20.72
CA ASN A 446 -5.31 -9.95 -21.86
C ASN A 446 -5.13 -8.74 -22.77
N TYR A 447 -6.24 -8.04 -23.05
CA TYR A 447 -6.20 -6.88 -23.93
C TYR A 447 -5.25 -5.82 -23.38
N HIS A 448 -5.41 -5.46 -22.10
CA HIS A 448 -4.55 -4.43 -21.53
C HIS A 448 -3.11 -4.92 -21.37
N LEU A 449 -2.91 -6.19 -21.00
CA LEU A 449 -1.54 -6.70 -20.88
C LEU A 449 -0.79 -6.70 -22.21
N ASN A 450 -1.48 -6.93 -23.34
CA ASN A 450 -0.89 -6.75 -24.65
C ASN A 450 -0.39 -5.33 -24.88
N TYR A 451 -1.19 -4.35 -24.49
CA TYR A 451 -0.79 -2.97 -24.64
C TYR A 451 0.48 -2.73 -23.81
N LEU A 452 0.49 -3.20 -22.54
CA LEU A 452 1.60 -2.86 -21.65
C LEU A 452 2.88 -3.58 -22.06
N GLU A 453 2.74 -4.87 -22.33
CA GLU A 453 3.90 -5.72 -22.59
C GLU A 453 4.60 -5.30 -23.87
N SER A 454 3.82 -4.88 -24.87
CA SER A 454 4.39 -4.37 -26.10
C SER A 454 5.27 -3.13 -25.86
N ARG A 455 4.98 -2.30 -24.84
CA ARG A 455 5.82 -1.15 -24.51
C ARG A 455 6.89 -1.46 -23.47
N LEU A 456 6.70 -2.45 -22.57
CA LEU A 456 7.61 -2.57 -21.43
C LEU A 456 8.36 -3.90 -21.39
N LYS A 457 7.80 -4.98 -21.94
CA LYS A 457 8.52 -6.27 -22.07
C LYS A 457 8.60 -7.10 -20.75
N SER A 458 9.40 -6.65 -19.78
CA SER A 458 9.52 -7.34 -18.50
C SER A 458 8.18 -7.45 -17.76
N PRO A 459 7.84 -8.67 -17.27
CA PRO A 459 6.66 -8.90 -16.45
C PRO A 459 6.65 -8.05 -15.17
N LEU A 460 7.85 -7.69 -14.65
CA LEU A 460 7.89 -6.84 -13.47
C LEU A 460 7.46 -5.40 -13.82
N PHE A 461 7.95 -4.89 -14.95
CA PHE A 461 7.61 -3.55 -15.40
C PHE A 461 6.13 -3.50 -15.75
N VAL A 462 5.62 -4.53 -16.42
CA VAL A 462 4.21 -4.67 -16.74
C VAL A 462 3.33 -4.62 -15.48
N ALA A 463 3.75 -5.36 -14.44
CA ALA A 463 3.08 -5.34 -13.15
C ALA A 463 3.08 -3.93 -12.56
N TYR A 464 4.22 -3.25 -12.54
CA TYR A 464 4.26 -1.88 -12.04
C TYR A 464 3.27 -0.97 -12.80
N ALA A 465 3.22 -1.08 -14.13
CA ALA A 465 2.34 -0.26 -14.96
C ALA A 465 0.86 -0.65 -14.84
N TYR A 466 0.59 -1.95 -14.60
CA TYR A 466 -0.77 -2.42 -14.42
C TYR A 466 -1.37 -1.79 -13.15
N ASN A 467 -0.56 -1.71 -12.08
CA ASN A 467 -1.06 -1.22 -10.79
C ASN A 467 -0.97 0.30 -10.69
N GLY A 468 0.07 0.89 -11.27
CA GLY A 468 0.45 2.27 -11.00
C GLY A 468 0.28 3.16 -12.22
N GLY A 469 0.07 2.56 -13.41
CA GLY A 469 -0.02 3.32 -14.66
C GLY A 469 1.29 3.32 -15.44
N ILE A 470 1.15 3.36 -16.77
CA ILE A 470 2.31 3.32 -17.65
C ILE A 470 3.08 4.65 -17.60
N GLY A 471 2.38 5.74 -17.24
CA GLY A 471 3.02 7.05 -17.10
C GLY A 471 4.03 7.09 -15.96
N PHE A 472 3.60 6.62 -14.78
CA PHE A 472 4.47 6.48 -13.62
C PHE A 472 5.66 5.56 -13.93
N THR A 473 5.39 4.45 -14.61
CA THR A 473 6.41 3.43 -14.85
C THR A 473 7.46 3.99 -15.82
N ASN A 474 6.97 4.65 -16.91
CA ASN A 474 7.83 5.30 -17.87
C ASN A 474 8.70 6.34 -17.21
N ARG A 475 8.15 7.17 -16.32
CA ARG A 475 8.95 8.18 -15.65
C ARG A 475 10.00 7.54 -14.74
N MET A 476 9.63 6.47 -14.02
CA MET A 476 10.61 5.82 -13.16
C MET A 476 11.75 5.27 -14.02
N LEU A 477 11.40 4.58 -15.11
CA LEU A 477 12.42 3.94 -15.95
C LEU A 477 13.24 4.98 -16.74
N ALA A 478 12.77 6.23 -16.86
CA ALA A 478 13.57 7.27 -17.51
C ALA A 478 14.66 7.79 -16.59
N ARG A 479 14.57 7.55 -15.28
CA ARG A 479 15.58 8.04 -14.36
C ARG A 479 16.91 7.31 -14.58
N ASN A 480 18.00 8.06 -14.34
CA ASN A 480 19.36 7.57 -14.45
C ASN A 480 19.71 6.57 -13.37
N ASP A 481 18.98 6.62 -12.26
CA ASP A 481 19.35 5.88 -11.06
C ASP A 481 18.46 4.64 -10.88
N MET A 482 17.52 4.36 -11.82
CA MET A 482 16.59 3.24 -11.68
C MET A 482 16.77 2.20 -12.79
N PHE A 483 16.95 0.93 -12.38
CA PHE A 483 17.03 -0.24 -13.27
C PHE A 483 18.14 -0.09 -14.32
N LYS A 484 19.26 0.49 -13.90
CA LYS A 484 20.48 0.60 -14.70
C LYS A 484 21.51 -0.37 -14.12
N THR A 485 22.69 -0.46 -14.73
CA THR A 485 23.73 -1.37 -14.26
C THR A 485 24.25 -0.88 -12.90
N GLY A 486 24.69 -1.80 -12.04
CA GLY A 486 25.21 -1.48 -10.73
C GLY A 486 25.40 -2.73 -9.91
N LYS A 487 26.27 -2.59 -8.90
CA LYS A 487 26.69 -3.62 -7.96
C LYS A 487 25.50 -4.42 -7.41
N PHE A 488 24.47 -3.67 -6.98
CA PHE A 488 23.33 -4.29 -6.26
C PHE A 488 22.03 -4.23 -7.06
N GLU A 489 22.15 -4.05 -8.38
CA GLU A 489 21.03 -3.97 -9.30
C GLU A 489 20.68 -5.39 -9.77
N PRO A 490 19.40 -5.67 -10.12
CA PRO A 490 18.30 -4.68 -10.09
C PRO A 490 17.59 -4.63 -8.72
N PHE A 491 18.14 -5.34 -7.74
CA PHE A 491 17.45 -5.48 -6.45
C PHE A 491 17.29 -4.10 -5.78
N LEU A 492 18.33 -3.28 -5.81
CA LEU A 492 18.28 -1.98 -5.14
C LEU A 492 17.12 -1.14 -5.71
N SER A 493 17.01 -1.06 -7.04
CA SER A 493 15.95 -0.36 -7.75
C SER A 493 14.57 -0.80 -7.28
N MET A 494 14.40 -2.11 -7.06
CA MET A 494 13.12 -2.64 -6.63
C MET A 494 12.70 -2.14 -5.24
N GLU A 495 13.68 -1.76 -4.43
CA GLU A 495 13.45 -1.20 -3.11
C GLU A 495 13.14 0.32 -3.18
N LEU A 496 13.44 0.95 -4.29
CA LEU A 496 13.32 2.40 -4.45
C LEU A 496 12.18 2.82 -5.36
N VAL A 497 11.32 1.89 -5.80
CA VAL A 497 10.14 2.20 -6.62
C VAL A 497 9.30 3.17 -5.81
N PRO A 498 9.04 4.40 -6.31
CA PRO A 498 8.62 5.47 -5.40
C PRO A 498 7.16 5.41 -4.92
N TYR A 499 6.37 4.39 -5.28
CA TYR A 499 4.98 4.29 -4.85
C TYR A 499 4.86 2.93 -4.14
N GLN A 500 4.57 2.93 -2.83
CA GLN A 500 4.68 1.74 -1.99
C GLN A 500 3.73 0.64 -2.47
N GLU A 501 2.52 0.98 -2.90
CA GLU A 501 1.58 -0.02 -3.39
C GLU A 501 2.16 -0.76 -4.62
N SER A 502 2.76 -0.03 -5.55
CA SER A 502 3.37 -0.59 -6.75
C SER A 502 4.67 -1.34 -6.43
N ARG A 503 5.47 -0.87 -5.49
CA ARG A 503 6.70 -1.53 -5.09
C ARG A 503 6.45 -2.96 -4.56
N ILE A 504 5.43 -3.07 -3.70
CA ILE A 504 5.01 -4.33 -3.13
C ILE A 504 4.35 -5.19 -4.17
N TYR A 505 3.46 -4.58 -4.97
CA TYR A 505 2.67 -5.29 -5.95
C TYR A 505 3.60 -6.01 -6.95
N GLY A 506 4.65 -5.32 -7.39
CA GLY A 506 5.55 -5.88 -8.38
C GLY A 506 6.25 -7.17 -7.88
N LYS A 507 6.75 -7.11 -6.65
CA LYS A 507 7.39 -8.26 -6.02
C LYS A 507 6.44 -9.45 -5.90
N LYS A 508 5.19 -9.21 -5.46
CA LYS A 508 4.21 -10.27 -5.32
C LYS A 508 3.85 -10.84 -6.68
N VAL A 509 3.54 -9.99 -7.67
CA VAL A 509 3.10 -10.51 -8.95
C VAL A 509 4.24 -11.30 -9.61
N LEU A 510 5.48 -10.86 -9.44
CA LEU A 510 6.62 -11.54 -10.04
C LEU A 510 6.75 -12.96 -9.46
N ALA A 511 6.63 -13.10 -8.13
CA ALA A 511 6.63 -14.41 -7.52
C ALA A 511 5.50 -15.26 -8.08
N ASN A 512 4.29 -14.72 -8.16
CA ASN A 512 3.18 -15.50 -8.67
C ASN A 512 3.45 -15.98 -10.10
N TYR A 513 4.03 -15.08 -10.91
CA TYR A 513 4.32 -15.35 -12.31
C TYR A 513 5.29 -16.54 -12.46
N ILE A 514 6.38 -16.54 -11.67
CA ILE A 514 7.30 -17.65 -11.62
C ILE A 514 6.57 -18.95 -11.29
N VAL A 515 5.72 -18.95 -10.27
CA VAL A 515 4.99 -20.13 -9.86
C VAL A 515 4.10 -20.64 -11.00
N TYR A 516 3.27 -19.76 -11.59
CA TYR A 516 2.30 -20.17 -12.59
C TYR A 516 3.03 -20.68 -13.84
N ARG A 517 4.15 -20.06 -14.21
CA ARG A 517 4.91 -20.57 -15.34
C ARG A 517 5.39 -21.99 -15.03
N HIS A 518 5.83 -22.21 -13.80
CA HIS A 518 6.23 -23.54 -13.36
C HIS A 518 5.08 -24.55 -13.45
N LEU A 519 3.92 -24.20 -12.90
CA LEU A 519 2.73 -25.04 -12.91
C LEU A 519 2.24 -25.31 -14.34
N LEU A 520 2.46 -24.44 -15.30
CA LEU A 520 1.99 -24.65 -16.66
C LEU A 520 3.04 -25.38 -17.52
N ASN A 521 4.13 -25.91 -16.91
CA ASN A 521 5.19 -26.58 -17.67
C ASN A 521 5.83 -25.63 -18.65
N ASP A 522 6.08 -24.39 -18.20
CA ASP A 522 6.74 -23.38 -18.99
C ASP A 522 7.71 -22.58 -18.10
N SER A 523 8.51 -23.32 -17.32
CA SER A 523 9.41 -22.79 -16.31
C SER A 523 10.37 -21.78 -16.88
N ILE A 524 10.67 -20.76 -16.07
CA ILE A 524 11.71 -19.81 -16.37
C ILE A 524 12.51 -19.63 -15.08
N LYS A 525 13.82 -19.48 -15.23
CA LYS A 525 14.65 -19.16 -14.08
C LYS A 525 14.43 -17.71 -13.67
N ILE A 526 14.26 -17.47 -12.37
CA ILE A 526 14.03 -16.10 -11.92
C ILE A 526 15.29 -15.28 -12.14
N SER A 527 16.46 -15.93 -12.19
CA SER A 527 17.69 -15.24 -12.52
C SER A 527 17.66 -14.62 -13.92
N ASP A 528 16.98 -15.26 -14.88
CA ASP A 528 16.84 -14.69 -16.21
C ASP A 528 15.94 -13.44 -16.18
N ILE A 529 14.91 -13.44 -15.34
CA ILE A 529 14.04 -12.27 -15.17
C ILE A 529 14.88 -11.12 -14.65
N PHE A 530 15.72 -11.39 -13.63
CA PHE A 530 16.53 -10.35 -13.02
C PHE A 530 17.54 -9.79 -14.01
N GLU A 531 18.18 -10.64 -14.82
CA GLU A 531 19.11 -10.16 -15.85
C GLU A 531 18.43 -9.20 -16.82
N ASN A 532 17.20 -9.51 -17.24
CA ASN A 532 16.44 -8.71 -18.20
C ASN A 532 15.92 -7.38 -17.61
N LEU A 533 16.08 -7.14 -16.30
CA LEU A 533 15.65 -5.87 -15.72
C LEU A 533 16.67 -4.77 -15.93
N ILE A 534 17.93 -5.07 -16.22
CA ILE A 534 18.96 -4.03 -16.19
C ILE A 534 18.99 -3.23 -17.51
C10 ZIA B . -5.55 0.17 -8.98
C9 ZIA B . -5.69 1.55 -9.64
C4 ZIA B . -4.06 2.10 -14.25
C2 ZIA B . -6.42 -0.68 -13.78
N1 ZIA B . -5.25 -0.03 -13.57
C6 ZIA B . -3.67 3.78 -12.43
C5 ZIA B . -3.99 3.61 -13.92
C8 ZIA B . -4.89 1.80 -11.88
C11 ZIA B . -6.71 -0.75 -9.32
C1 ZIA B . -6.27 -2.16 -13.97
O1 ZIA B . -7.52 -0.11 -13.85
C3 ZIA B . -5.10 1.42 -13.37
O2 ZIA B . -4.35 1.88 -15.64
O3 ZIA B . -2.97 4.25 -14.68
C7 ZIA B . -3.46 5.21 -11.91
O4 ZIA B . -4.55 6.07 -12.28
O5 ZIA B . -4.79 3.21 -11.72
O6 ZIA B . -5.98 1.39 -11.08
C12 ZIA B . -6.08 -2.15 -9.49
C13 ZIA B . -4.60 -1.92 -9.60
O7 ZIA B . -3.74 -2.81 -9.82
N2 ZIA B . -4.38 -0.59 -9.46
C10 ZIA C . -5.35 -8.35 -1.19
C9 ZIA C . -4.66 -7.17 -1.87
C4 ZIA C . -6.30 -4.38 -5.49
C2 ZIA C . -8.97 -5.54 -3.46
N1 ZIA C . -7.84 -5.77 -4.16
C6 ZIA C . -3.86 -4.64 -4.89
C5 ZIA C . -4.93 -3.70 -5.47
C8 ZIA C . -5.47 -5.77 -3.58
C11 ZIA C . -6.46 -7.95 -0.21
C1 ZIA C . -10.10 -6.50 -3.66
O1 ZIA C . -9.05 -4.61 -2.67
C3 ZIA C . -6.65 -4.93 -4.10
O2 ZIA C . -7.31 -3.48 -5.92
O3 ZIA C . -4.54 -3.30 -6.76
C7 ZIA C . -2.52 -3.99 -4.70
O4 ZIA C . -1.50 -4.91 -4.27
O5 ZIA C . -4.27 -5.02 -3.57
O6 ZIA C . -5.69 -6.24 -2.30
C12 ZIA C . -7.77 -8.21 -0.95
C13 ZIA C . -7.38 -9.03 -2.17
O7 ZIA C . -8.14 -9.52 -3.01
N2 ZIA C . -6.04 -9.15 -2.20
C1 CIT D . -5.39 -28.49 2.39
O1 CIT D . -5.76 -28.04 3.52
O2 CIT D . -4.73 -27.82 1.53
C2 CIT D . -5.72 -29.94 2.05
C3 CIT D . -5.98 -30.28 0.56
O7 CIT D . -5.06 -29.60 -0.29
C4 CIT D . -7.41 -29.80 0.23
C5 CIT D . -7.99 -30.23 -1.10
O3 CIT D . -9.16 -29.85 -1.38
O4 CIT D . -7.29 -30.94 -1.88
C6 CIT D . -5.86 -31.83 0.37
O5 CIT D . -4.79 -32.30 -0.12
O6 CIT D . -6.85 -32.52 0.72
#